data_1H9E
#
_entry.id   1H9E
#
_cell.length_a   1.000
_cell.length_b   1.000
_cell.length_c   1.000
_cell.angle_alpha   90.00
_cell.angle_beta   90.00
_cell.angle_gamma   90.00
#
_symmetry.space_group_name_H-M   'P 1'
#
_entity_poly.entity_id   1
_entity_poly.type   'polypeptide(L)'
_entity_poly.pdbx_seq_one_letter_code
;PEFLEDPSVLTKDKLKSELVANNVTLPAGEQRKDVYVQLYLQHLTARNRPPLPAGT
;
_entity_poly.pdbx_strand_id   A
#
# COMPACT_ATOMS: atom_id res chain seq x y z
N PRO A 1 -3.27 -9.96 9.31
CA PRO A 1 -2.24 -8.92 8.99
C PRO A 1 -2.92 -7.73 8.31
N GLU A 2 -3.39 -6.78 9.09
CA GLU A 2 -4.06 -5.60 8.48
C GLU A 2 -3.00 -4.65 7.90
N PHE A 3 -3.30 -4.05 6.78
CA PHE A 3 -2.31 -3.12 6.15
C PHE A 3 -3.10 -1.98 5.50
N LEU A 4 -2.43 -0.90 5.22
CA LEU A 4 -3.10 0.27 4.57
C LEU A 4 -3.92 -0.21 3.37
N GLU A 5 -5.13 -0.63 3.59
CA GLU A 5 -5.97 -1.12 2.46
C GLU A 5 -6.29 0.05 1.54
N ASP A 6 -6.00 1.24 1.99
CA ASP A 6 -6.25 2.45 1.16
C ASP A 6 -5.21 3.49 1.55
N PRO A 7 -4.05 3.36 0.96
CA PRO A 7 -2.91 4.26 1.25
C PRO A 7 -3.07 5.61 0.54
N SER A 8 -4.10 6.35 0.86
CA SER A 8 -4.28 7.67 0.21
C SER A 8 -4.04 8.78 1.23
N VAL A 9 -3.50 8.44 2.37
CA VAL A 9 -3.24 9.48 3.41
C VAL A 9 -1.80 9.36 3.92
N LEU A 10 -1.04 8.42 3.43
CA LEU A 10 0.37 8.28 3.91
C LEU A 10 1.30 9.02 2.97
N THR A 11 1.59 8.43 1.84
CA THR A 11 2.56 9.03 0.89
C THR A 11 3.14 7.88 0.08
N LYS A 12 4.12 8.13 -0.73
CA LYS A 12 4.71 7.01 -1.49
C LYS A 12 5.86 6.39 -0.67
N ASP A 13 6.09 6.88 0.52
CA ASP A 13 7.21 6.32 1.34
C ASP A 13 6.69 5.51 2.53
N LYS A 14 5.51 5.79 3.02
CA LYS A 14 5.00 5.00 4.18
C LYS A 14 4.49 3.67 3.67
N LEU A 15 3.58 3.70 2.73
CA LEU A 15 3.05 2.43 2.15
C LEU A 15 4.21 1.45 1.95
N LYS A 16 5.38 2.00 1.81
CA LYS A 16 6.58 1.20 1.58
C LYS A 16 7.14 0.73 2.91
N SER A 17 7.41 1.66 3.79
CA SER A 17 7.95 1.27 5.12
C SER A 17 7.11 0.11 5.65
N GLU A 18 5.90 -0.01 5.20
CA GLU A 18 5.04 -1.12 5.67
C GLU A 18 5.25 -2.33 4.75
N LEU A 19 4.99 -2.18 3.46
CA LEU A 19 5.19 -3.31 2.50
C LEU A 19 6.35 -4.19 2.97
N VAL A 20 7.41 -3.58 3.43
CA VAL A 20 8.57 -4.37 3.91
C VAL A 20 8.08 -5.36 4.97
N ALA A 21 7.51 -4.86 6.03
CA ALA A 21 7.01 -5.74 7.11
C ALA A 21 5.87 -6.63 6.58
N ASN A 22 5.35 -6.33 5.43
CA ASN A 22 4.23 -7.15 4.90
C ASN A 22 4.70 -8.06 3.76
N ASN A 23 5.85 -8.65 3.92
CA ASN A 23 6.38 -9.59 2.87
C ASN A 23 6.41 -8.95 1.49
N VAL A 24 7.18 -7.91 1.30
CA VAL A 24 7.27 -7.27 -0.03
C VAL A 24 8.64 -6.63 -0.17
N THR A 25 9.41 -6.99 -1.17
CA THR A 25 10.74 -6.39 -1.33
C THR A 25 10.61 -4.94 -1.79
N LEU A 26 11.62 -4.16 -1.52
CA LEU A 26 11.59 -2.72 -1.90
C LEU A 26 12.70 -2.50 -2.95
N PRO A 27 12.31 -2.17 -4.16
CA PRO A 27 13.25 -1.96 -5.27
C PRO A 27 13.96 -0.59 -5.18
N ALA A 28 13.44 0.41 -5.84
CA ALA A 28 14.10 1.75 -5.81
C ALA A 28 14.14 2.32 -4.40
N GLY A 29 14.67 3.50 -4.24
CA GLY A 29 14.74 4.13 -2.88
C GLY A 29 13.73 5.28 -2.81
N GLU A 30 14.06 6.43 -3.33
CA GLU A 30 13.10 7.58 -3.28
C GLU A 30 11.72 7.06 -3.67
N GLN A 31 11.48 6.89 -4.94
CA GLN A 31 10.18 6.35 -5.39
C GLN A 31 10.15 6.32 -6.91
N ARG A 32 10.38 5.17 -7.48
CA ARG A 32 10.36 5.02 -8.94
C ARG A 32 9.25 5.89 -9.54
N LYS A 33 8.03 5.55 -9.27
CA LYS A 33 6.88 6.34 -9.80
C LYS A 33 5.58 5.70 -9.32
N ASP A 34 5.09 6.09 -8.17
CA ASP A 34 3.86 5.46 -7.65
C ASP A 34 4.07 3.95 -7.61
N VAL A 35 5.31 3.52 -7.62
CA VAL A 35 5.61 2.07 -7.60
C VAL A 35 5.12 1.43 -6.31
N TYR A 36 5.35 2.04 -5.18
CA TYR A 36 4.95 1.43 -3.90
C TYR A 36 3.45 1.56 -3.71
N VAL A 37 2.86 2.52 -4.34
CA VAL A 37 1.40 2.68 -4.21
C VAL A 37 0.73 1.57 -5.00
N GLN A 38 0.97 1.51 -6.29
CA GLN A 38 0.38 0.40 -7.09
C GLN A 38 0.89 -0.92 -6.50
N LEU A 39 2.17 -0.99 -6.27
CA LEU A 39 2.78 -2.24 -5.68
C LEU A 39 1.86 -2.70 -4.55
N TYR A 40 1.51 -1.81 -3.68
CA TYR A 40 0.62 -2.14 -2.55
C TYR A 40 -0.65 -2.82 -3.06
N LEU A 41 -1.41 -2.16 -3.90
CA LEU A 41 -2.67 -2.79 -4.36
C LEU A 41 -2.35 -4.06 -5.17
N GLN A 42 -1.11 -4.25 -5.55
CA GLN A 42 -0.76 -5.46 -6.36
C GLN A 42 -0.65 -6.71 -5.47
N HIS A 43 0.25 -6.72 -4.53
CA HIS A 43 0.41 -7.91 -3.64
C HIS A 43 -0.50 -7.76 -2.44
N LEU A 44 -0.73 -6.55 -2.06
CA LEU A 44 -1.60 -6.31 -0.88
C LEU A 44 -3.04 -6.11 -1.37
N THR A 45 -3.24 -5.69 -2.59
CA THR A 45 -4.63 -5.53 -3.10
C THR A 45 -5.55 -4.91 -2.06
N ALA A 46 -5.01 -4.16 -1.13
CA ALA A 46 -5.89 -3.57 -0.10
C ALA A 46 -6.76 -4.70 0.46
N ARG A 47 -6.11 -5.72 0.94
CA ARG A 47 -6.78 -6.92 1.53
C ARG A 47 -8.28 -6.69 1.74
N ASN A 48 -8.69 -6.12 2.85
CA ASN A 48 -10.15 -5.89 3.06
C ASN A 48 -10.48 -4.43 2.76
N ARG A 49 -10.64 -4.09 1.51
CA ARG A 49 -10.95 -2.67 1.17
C ARG A 49 -12.21 -2.18 1.90
N PRO A 50 -13.23 -2.99 1.87
CA PRO A 50 -14.52 -2.70 2.50
C PRO A 50 -14.47 -2.99 4.00
N PRO A 51 -14.94 -2.06 4.81
CA PRO A 51 -14.95 -2.23 6.26
C PRO A 51 -16.10 -3.15 6.70
N LEU A 52 -16.75 -3.80 5.76
CA LEU A 52 -17.86 -4.71 6.14
C LEU A 52 -18.93 -3.93 6.92
N PRO A 53 -20.01 -3.60 6.24
CA PRO A 53 -21.13 -2.84 6.83
C PRO A 53 -22.02 -3.77 7.67
N ALA A 54 -21.56 -4.94 7.99
CA ALA A 54 -22.39 -5.85 8.81
C ALA A 54 -23.54 -6.40 7.96
N GLY A 55 -23.23 -7.21 6.98
CA GLY A 55 -24.29 -7.79 6.12
C GLY A 55 -23.80 -9.10 5.51
N THR A 56 -22.81 -9.71 6.11
CA THR A 56 -22.28 -10.99 5.57
C THR A 56 -22.15 -10.89 4.04
N PRO A 1 -2.09 -9.06 8.79
CA PRO A 1 -3.41 -8.97 9.48
C PRO A 1 -4.21 -7.78 8.95
N GLU A 2 -3.62 -6.62 8.96
CA GLU A 2 -4.35 -5.42 8.44
C GLU A 2 -3.33 -4.42 7.87
N PHE A 3 -3.42 -4.15 6.60
CA PHE A 3 -2.46 -3.18 5.98
C PHE A 3 -3.27 -2.08 5.30
N LEU A 4 -2.63 -0.97 5.08
CA LEU A 4 -3.29 0.20 4.43
C LEU A 4 -4.05 -0.26 3.18
N GLU A 5 -5.27 -0.70 3.34
CA GLU A 5 -6.05 -1.15 2.15
C GLU A 5 -6.35 0.05 1.26
N ASP A 6 -6.08 1.23 1.76
CA ASP A 6 -6.32 2.47 0.97
C ASP A 6 -5.30 3.51 1.44
N PRO A 7 -4.12 3.42 0.88
CA PRO A 7 -3.01 4.32 1.26
C PRO A 7 -3.14 5.69 0.58
N SER A 8 -4.20 6.41 0.87
CA SER A 8 -4.36 7.75 0.24
C SER A 8 -4.13 8.83 1.30
N VAL A 9 -3.55 8.48 2.42
CA VAL A 9 -3.31 9.49 3.49
C VAL A 9 -1.86 9.41 3.98
N LEU A 10 -1.09 8.48 3.48
CA LEU A 10 0.33 8.38 3.94
C LEU A 10 1.23 9.10 2.96
N THR A 11 1.52 8.49 1.84
CA THR A 11 2.44 9.10 0.87
C THR A 11 3.04 7.96 0.07
N LYS A 12 3.95 8.24 -0.80
CA LYS A 12 4.57 7.14 -1.56
C LYS A 12 5.73 6.56 -0.74
N ASP A 13 6.05 7.15 0.38
CA ASP A 13 7.20 6.63 1.20
C ASP A 13 6.73 5.81 2.42
N LYS A 14 5.55 5.98 2.90
CA LYS A 14 5.10 5.19 4.09
C LYS A 14 4.56 3.85 3.61
N LEU A 15 3.62 3.88 2.71
CA LEU A 15 3.06 2.61 2.16
C LEU A 15 4.21 1.61 1.90
N LYS A 16 5.40 2.11 1.68
CA LYS A 16 6.54 1.21 1.39
C LYS A 16 7.12 0.70 2.71
N SER A 17 7.44 1.60 3.59
CA SER A 17 7.99 1.21 4.91
C SER A 17 7.24 0.01 5.45
N GLU A 18 6.03 -0.11 5.05
CA GLU A 18 5.18 -1.24 5.51
C GLU A 18 5.34 -2.41 4.54
N LEU A 19 5.05 -2.19 3.26
CA LEU A 19 5.20 -3.29 2.25
C LEU A 19 6.39 -4.17 2.64
N VAL A 20 7.41 -3.59 3.20
CA VAL A 20 8.59 -4.38 3.63
C VAL A 20 8.14 -5.39 4.68
N ALA A 21 7.59 -4.91 5.76
CA ALA A 21 7.13 -5.81 6.85
C ALA A 21 5.99 -6.70 6.33
N ASN A 22 5.42 -6.38 5.20
CA ASN A 22 4.30 -7.20 4.68
C ASN A 22 4.75 -8.11 3.54
N ASN A 23 5.93 -8.68 3.67
CA ASN A 23 6.43 -9.61 2.62
C ASN A 23 6.60 -8.91 1.28
N VAL A 24 7.21 -7.76 1.25
CA VAL A 24 7.40 -7.05 -0.04
C VAL A 24 8.72 -6.26 0.01
N THR A 25 9.72 -6.70 -0.71
CA THR A 25 11.01 -5.97 -0.68
C THR A 25 10.86 -4.62 -1.38
N LEU A 26 11.79 -3.73 -1.16
CA LEU A 26 11.70 -2.38 -1.80
C LEU A 26 12.88 -2.22 -2.77
N PRO A 27 12.62 -2.37 -4.04
CA PRO A 27 13.64 -2.28 -5.09
C PRO A 27 13.77 -0.84 -5.62
N ALA A 28 14.33 0.06 -4.86
CA ALA A 28 14.47 1.47 -5.37
C ALA A 28 15.02 2.37 -4.26
N GLY A 29 14.21 2.70 -3.29
CA GLY A 29 14.68 3.59 -2.19
C GLY A 29 13.72 4.77 -2.09
N GLU A 30 13.72 5.65 -3.06
CA GLU A 30 12.79 6.81 -3.01
C GLU A 30 11.41 6.34 -3.49
N GLN A 31 11.19 6.32 -4.77
CA GLN A 31 9.89 5.84 -5.35
C GLN A 31 10.07 5.80 -6.86
N ARG A 32 9.91 4.65 -7.40
CA ARG A 32 10.06 4.44 -8.84
C ARG A 32 9.05 5.32 -9.58
N LYS A 33 7.81 5.24 -9.22
CA LYS A 33 6.76 6.06 -9.88
C LYS A 33 5.42 5.66 -9.29
N ASP A 34 5.03 6.21 -8.16
CA ASP A 34 3.75 5.77 -7.55
C ASP A 34 3.81 4.25 -7.51
N VAL A 35 4.96 3.71 -7.18
CA VAL A 35 5.12 2.25 -7.15
C VAL A 35 4.73 1.68 -5.79
N TYR A 36 5.35 2.04 -4.71
CA TYR A 36 4.89 1.48 -3.42
C TYR A 36 3.39 1.64 -3.34
N VAL A 37 2.86 2.58 -4.07
CA VAL A 37 1.40 2.78 -4.09
C VAL A 37 0.79 1.68 -4.97
N GLN A 38 1.14 1.62 -6.22
CA GLN A 38 0.60 0.54 -7.09
C GLN A 38 1.00 -0.80 -6.44
N LEU A 39 2.28 -1.06 -6.40
CA LEU A 39 2.82 -2.32 -5.75
C LEU A 39 1.85 -2.75 -4.65
N TYR A 40 1.56 -1.86 -3.74
CA TYR A 40 0.65 -2.17 -2.63
C TYR A 40 -0.66 -2.80 -3.16
N LEU A 41 -1.38 -2.10 -3.98
CA LEU A 41 -2.66 -2.68 -4.47
C LEU A 41 -2.40 -3.99 -5.23
N GLN A 42 -1.19 -4.20 -5.70
CA GLN A 42 -0.90 -5.45 -6.48
C GLN A 42 -0.74 -6.67 -5.55
N HIS A 43 0.24 -6.68 -4.70
CA HIS A 43 0.44 -7.86 -3.79
C HIS A 43 -0.47 -7.74 -2.59
N LEU A 44 -0.69 -6.56 -2.16
CA LEU A 44 -1.54 -6.38 -0.96
C LEU A 44 -3.01 -6.27 -1.40
N THR A 45 -3.26 -5.92 -2.64
CA THR A 45 -4.69 -5.86 -3.11
C THR A 45 -5.56 -5.16 -2.08
N ALA A 46 -5.00 -4.34 -1.25
CA ALA A 46 -5.83 -3.67 -0.23
C ALA A 46 -6.69 -4.72 0.46
N ARG A 47 -6.04 -5.72 0.96
CA ARG A 47 -6.69 -6.84 1.69
C ARG A 47 -8.13 -6.51 2.10
N ASN A 48 -8.30 -5.82 3.19
CA ASN A 48 -9.69 -5.47 3.65
C ASN A 48 -10.06 -4.08 3.11
N ARG A 49 -10.58 -4.02 1.92
CA ARG A 49 -10.94 -2.68 1.34
C ARG A 49 -11.62 -1.80 2.40
N PRO A 50 -12.63 -2.34 3.01
CA PRO A 50 -13.40 -1.65 4.06
C PRO A 50 -12.65 -1.67 5.39
N PRO A 51 -12.33 -0.51 5.90
CA PRO A 51 -11.61 -0.37 7.17
C PRO A 51 -12.56 -0.61 8.36
N LEU A 52 -12.73 -1.84 8.76
CA LEU A 52 -13.63 -2.13 9.91
C LEU A 52 -12.87 -1.94 11.22
N PRO A 53 -13.62 -1.75 12.29
CA PRO A 53 -13.05 -1.55 13.63
C PRO A 53 -12.60 -2.87 14.25
N ALA A 54 -12.58 -3.93 13.47
CA ALA A 54 -12.14 -5.23 14.03
C ALA A 54 -13.21 -5.78 14.97
N GLY A 55 -14.33 -6.16 14.45
CA GLY A 55 -15.40 -6.71 15.31
C GLY A 55 -15.74 -8.14 14.87
N THR A 56 -14.93 -8.73 14.03
CA THR A 56 -15.20 -10.11 13.55
C THR A 56 -15.06 -11.09 14.72
N PRO A 1 -1.85 -8.92 9.52
CA PRO A 1 -3.30 -8.91 9.92
C PRO A 1 -4.04 -7.81 9.15
N GLU A 2 -3.45 -6.64 9.04
CA GLU A 2 -4.12 -5.54 8.31
C GLU A 2 -3.07 -4.60 7.73
N PHE A 3 -3.36 -4.00 6.61
CA PHE A 3 -2.39 -3.09 5.96
C PHE A 3 -3.19 -1.95 5.31
N LEU A 4 -2.53 -1.01 4.69
CA LEU A 4 -3.28 0.12 4.06
C LEU A 4 -4.13 -0.40 2.91
N GLU A 5 -5.30 -0.90 3.20
CA GLU A 5 -6.16 -1.38 2.08
C GLU A 5 -6.40 -0.18 1.17
N ASP A 6 -6.17 1.00 1.69
CA ASP A 6 -6.33 2.24 0.88
C ASP A 6 -5.31 3.26 1.41
N PRO A 7 -4.10 3.17 0.90
CA PRO A 7 -3.00 4.07 1.30
C PRO A 7 -3.17 5.44 0.63
N SER A 8 -4.22 6.16 0.94
CA SER A 8 -4.41 7.49 0.31
C SER A 8 -4.12 8.60 1.34
N VAL A 9 -3.41 8.28 2.38
CA VAL A 9 -3.11 9.33 3.40
C VAL A 9 -1.61 9.29 3.77
N LEU A 10 -1.02 8.12 3.78
CA LEU A 10 0.43 8.03 4.13
C LEU A 10 1.25 8.87 3.16
N THR A 11 1.59 8.35 2.02
CA THR A 11 2.43 9.06 1.04
C THR A 11 3.09 7.99 0.20
N LYS A 12 3.91 8.37 -0.72
CA LYS A 12 4.58 7.31 -1.52
C LYS A 12 5.86 6.88 -0.79
N ASP A 13 6.01 7.23 0.47
CA ASP A 13 7.24 6.85 1.22
C ASP A 13 6.92 6.02 2.46
N LYS A 14 5.69 6.03 2.93
CA LYS A 14 5.36 5.22 4.13
C LYS A 14 4.84 3.88 3.66
N LEU A 15 3.81 3.89 2.88
CA LEU A 15 3.22 2.62 2.36
C LEU A 15 4.34 1.64 2.04
N LYS A 16 5.51 2.12 1.72
CA LYS A 16 6.63 1.23 1.42
C LYS A 16 7.16 0.67 2.73
N SER A 17 7.45 1.54 3.65
CA SER A 17 7.97 1.09 4.97
C SER A 17 7.18 -0.12 5.43
N GLU A 18 5.89 -0.08 5.27
CA GLU A 18 5.05 -1.21 5.69
C GLU A 18 5.24 -2.38 4.70
N LEU A 19 4.99 -2.13 3.42
CA LEU A 19 5.17 -3.22 2.40
C LEU A 19 6.31 -4.15 2.81
N VAL A 20 7.33 -3.60 3.42
CA VAL A 20 8.48 -4.45 3.86
C VAL A 20 8.06 -5.26 5.09
N ALA A 21 7.54 -4.59 6.09
CA ALA A 21 7.10 -5.29 7.33
C ALA A 21 6.00 -6.30 6.99
N ASN A 22 5.44 -6.24 5.82
CA ASN A 22 4.35 -7.18 5.46
C ASN A 22 4.86 -8.32 4.59
N ASN A 23 5.29 -8.05 3.39
CA ASN A 23 5.80 -9.16 2.53
C ASN A 23 6.14 -8.62 1.14
N VAL A 24 6.86 -7.54 1.07
CA VAL A 24 7.21 -6.96 -0.25
C VAL A 24 8.57 -6.26 -0.16
N THR A 25 9.52 -6.63 -0.98
CA THR A 25 10.84 -5.98 -0.91
C THR A 25 10.76 -4.60 -1.54
N LEU A 26 11.70 -3.74 -1.25
CA LEU A 26 11.68 -2.36 -1.82
C LEU A 26 12.86 -2.21 -2.79
N PRO A 27 12.55 -2.19 -4.07
CA PRO A 27 13.59 -2.07 -5.12
C PRO A 27 14.05 -0.62 -5.28
N ALA A 28 13.25 0.21 -5.91
CA ALA A 28 13.63 1.64 -6.14
C ALA A 28 14.41 2.19 -4.95
N GLY A 29 14.03 1.84 -3.76
CA GLY A 29 14.71 2.45 -2.57
C GLY A 29 13.88 3.68 -2.24
N GLU A 30 13.63 4.48 -3.25
CA GLU A 30 12.77 5.67 -3.12
C GLU A 30 11.49 5.34 -3.89
N GLN A 31 10.94 6.27 -4.60
CA GLN A 31 9.70 5.95 -5.37
C GLN A 31 10.00 6.09 -6.86
N ARG A 32 9.56 5.12 -7.59
CA ARG A 32 9.77 5.05 -9.03
C ARG A 32 8.72 5.92 -9.73
N LYS A 33 7.49 5.75 -9.37
CA LYS A 33 6.39 6.55 -9.97
C LYS A 33 5.10 6.03 -9.34
N ASP A 34 4.73 6.52 -8.19
CA ASP A 34 3.52 5.97 -7.54
C ASP A 34 3.69 4.46 -7.50
N VAL A 35 4.89 4.02 -7.17
CA VAL A 35 5.16 2.57 -7.15
C VAL A 35 4.81 1.96 -5.79
N TYR A 36 5.45 2.34 -4.72
CA TYR A 36 5.06 1.75 -3.43
C TYR A 36 3.54 1.82 -3.30
N VAL A 37 2.94 2.73 -4.01
CA VAL A 37 1.47 2.85 -3.96
C VAL A 37 0.88 1.74 -4.85
N GLN A 38 1.15 1.77 -6.12
CA GLN A 38 0.64 0.69 -7.00
C GLN A 38 1.08 -0.65 -6.38
N LEU A 39 2.38 -0.86 -6.33
CA LEU A 39 2.95 -2.10 -5.72
C LEU A 39 2.03 -2.58 -4.60
N TYR A 40 1.69 -1.70 -3.68
CA TYR A 40 0.80 -2.08 -2.58
C TYR A 40 -0.47 -2.77 -3.12
N LEU A 41 -1.21 -2.11 -3.97
CA LEU A 41 -2.46 -2.75 -4.47
C LEU A 41 -2.14 -4.04 -5.25
N GLN A 42 -0.93 -4.20 -5.70
CA GLN A 42 -0.59 -5.43 -6.49
C GLN A 42 -0.47 -6.67 -5.58
N HIS A 43 0.45 -6.65 -4.65
CA HIS A 43 0.63 -7.85 -3.75
C HIS A 43 -0.31 -7.75 -2.57
N LEU A 44 -0.56 -6.56 -2.13
CA LEU A 44 -1.45 -6.39 -0.97
C LEU A 44 -2.90 -6.30 -1.45
N THR A 45 -3.12 -5.97 -2.70
CA THR A 45 -4.51 -5.91 -3.22
C THR A 45 -5.43 -5.22 -2.23
N ALA A 46 -4.91 -4.38 -1.40
CA ALA A 46 -5.77 -3.70 -0.40
C ALA A 46 -6.67 -4.75 0.25
N ARG A 47 -6.06 -5.76 0.77
CA ARG A 47 -6.77 -6.88 1.47
C ARG A 47 -8.22 -6.52 1.83
N ASN A 48 -8.44 -5.84 2.93
CA ASN A 48 -9.84 -5.47 3.32
C ASN A 48 -10.21 -4.12 2.71
N ARG A 49 -10.60 -4.11 1.46
CA ARG A 49 -10.98 -2.80 0.82
C ARG A 49 -11.85 -2.00 1.78
N PRO A 50 -11.82 -0.71 1.62
CA PRO A 50 -12.64 0.17 2.45
C PRO A 50 -14.08 0.22 1.92
N PRO A 51 -14.99 -0.31 2.67
CA PRO A 51 -16.42 -0.34 2.30
C PRO A 51 -17.06 1.02 2.58
N LEU A 52 -16.95 1.94 1.66
CA LEU A 52 -17.56 3.29 1.88
C LEU A 52 -17.91 3.92 0.53
N PRO A 53 -18.85 4.84 0.56
CA PRO A 53 -19.30 5.55 -0.65
C PRO A 53 -18.30 6.62 -1.05
N ALA A 54 -18.72 7.60 -1.80
CA ALA A 54 -17.78 8.65 -2.23
C ALA A 54 -18.49 9.61 -3.19
N GLY A 55 -17.78 10.59 -3.70
CA GLY A 55 -18.42 11.55 -4.64
C GLY A 55 -17.47 11.82 -5.82
N THR A 56 -16.45 11.02 -5.97
CA THR A 56 -15.49 11.23 -7.09
C THR A 56 -15.75 10.18 -8.18
N PRO A 1 -3.14 -8.61 11.02
CA PRO A 1 -2.03 -7.71 10.55
C PRO A 1 -2.63 -6.41 10.01
N GLU A 2 -3.52 -6.49 9.06
CA GLU A 2 -4.14 -5.25 8.50
C GLU A 2 -3.04 -4.39 7.86
N PHE A 3 -3.29 -3.90 6.68
CA PHE A 3 -2.28 -3.06 5.99
C PHE A 3 -3.01 -1.90 5.30
N LEU A 4 -2.30 -0.88 4.92
CA LEU A 4 -2.97 0.27 4.26
C LEU A 4 -3.84 -0.23 3.10
N GLU A 5 -5.07 -0.54 3.36
CA GLU A 5 -5.96 -1.02 2.28
C GLU A 5 -6.26 0.16 1.34
N ASP A 6 -5.83 1.34 1.72
CA ASP A 6 -6.05 2.55 0.88
C ASP A 6 -5.08 3.62 1.37
N PRO A 7 -3.91 3.64 0.78
CA PRO A 7 -2.83 4.59 1.16
C PRO A 7 -3.06 5.98 0.57
N SER A 8 -4.16 6.61 0.88
CA SER A 8 -4.39 7.97 0.34
C SER A 8 -4.09 9.01 1.43
N VAL A 9 -3.68 8.55 2.59
CA VAL A 9 -3.40 9.49 3.70
C VAL A 9 -1.93 9.40 4.13
N LEU A 10 -1.15 8.51 3.55
CA LEU A 10 0.28 8.41 3.96
C LEU A 10 1.16 9.09 2.92
N THR A 11 1.51 8.40 1.86
CA THR A 11 2.42 8.99 0.85
C THR A 11 3.13 7.85 0.14
N LYS A 12 4.03 8.15 -0.76
CA LYS A 12 4.77 7.05 -1.42
C LYS A 12 5.99 6.74 -0.54
N ASP A 13 5.79 6.60 0.75
CA ASP A 13 6.93 6.30 1.67
C ASP A 13 6.43 5.44 2.83
N LYS A 14 5.33 5.80 3.46
CA LYS A 14 4.82 4.96 4.56
C LYS A 14 4.47 3.60 3.97
N LEU A 15 3.57 3.61 3.01
CA LEU A 15 3.16 2.33 2.36
C LEU A 15 4.37 1.44 2.16
N LYS A 16 5.53 2.04 2.09
CA LYS A 16 6.76 1.27 1.92
C LYS A 16 7.18 0.72 3.28
N SER A 17 7.34 1.60 4.23
CA SER A 17 7.72 1.18 5.61
C SER A 17 6.89 -0.04 5.98
N GLU A 18 5.72 -0.12 5.43
CA GLU A 18 4.82 -1.26 5.70
C GLU A 18 5.17 -2.43 4.76
N LEU A 19 5.06 -2.23 3.46
CA LEU A 19 5.37 -3.32 2.50
C LEU A 19 6.55 -4.16 3.00
N VAL A 20 7.58 -3.52 3.48
CA VAL A 20 8.74 -4.28 3.99
C VAL A 20 8.26 -5.22 5.10
N ALA A 21 7.56 -4.68 6.06
CA ALA A 21 7.04 -5.50 7.18
C ALA A 21 5.97 -6.47 6.67
N ASN A 22 5.50 -6.30 5.48
CA ASN A 22 4.44 -7.20 4.95
C ASN A 22 5.00 -8.06 3.81
N ASN A 23 6.12 -8.68 4.05
CA ASN A 23 6.75 -9.58 3.04
C ASN A 23 6.75 -8.97 1.64
N VAL A 24 7.38 -7.83 1.46
CA VAL A 24 7.45 -7.22 0.11
C VAL A 24 8.79 -6.48 -0.02
N THR A 25 9.73 -7.02 -0.74
CA THR A 25 11.03 -6.33 -0.87
C THR A 25 10.83 -4.95 -1.47
N LEU A 26 11.79 -4.10 -1.32
CA LEU A 26 11.67 -2.72 -1.87
C LEU A 26 12.73 -2.53 -2.98
N PRO A 27 12.28 -2.43 -4.21
CA PRO A 27 13.18 -2.27 -5.35
C PRO A 27 13.70 -0.82 -5.43
N ALA A 28 13.02 0.03 -6.17
CA ALA A 28 13.49 1.44 -6.30
C ALA A 28 13.83 1.99 -4.92
N GLY A 29 14.39 3.17 -4.86
CA GLY A 29 14.73 3.79 -3.54
C GLY A 29 13.65 4.82 -3.19
N GLU A 30 13.88 6.06 -3.49
CA GLU A 30 12.85 7.09 -3.17
C GLU A 30 11.51 6.60 -3.72
N GLN A 31 11.36 6.54 -5.02
CA GLN A 31 10.09 6.03 -5.60
C GLN A 31 10.17 6.10 -7.13
N ARG A 32 9.94 4.98 -7.77
CA ARG A 32 9.98 4.92 -9.24
C ARG A 32 8.90 5.87 -9.79
N LYS A 33 7.69 5.63 -9.40
CA LYS A 33 6.54 6.47 -9.85
C LYS A 33 5.29 5.86 -9.24
N ASP A 34 4.99 6.15 -8.01
CA ASP A 34 3.80 5.50 -7.40
C ASP A 34 4.04 3.99 -7.48
N VAL A 35 5.27 3.58 -7.29
CA VAL A 35 5.60 2.13 -7.37
C VAL A 35 5.14 1.43 -6.11
N TYR A 36 5.29 2.06 -4.98
CA TYR A 36 4.92 1.43 -3.71
C TYR A 36 3.43 1.56 -3.51
N VAL A 37 2.85 2.57 -4.09
CA VAL A 37 1.39 2.73 -3.95
C VAL A 37 0.73 1.68 -4.86
N GLN A 38 1.11 1.64 -6.11
CA GLN A 38 0.53 0.61 -7.02
C GLN A 38 1.02 -0.76 -6.54
N LEU A 39 2.29 -0.87 -6.28
CA LEU A 39 2.86 -2.18 -5.77
C LEU A 39 1.91 -2.71 -4.72
N TYR A 40 1.67 -1.91 -3.72
CA TYR A 40 0.77 -2.28 -2.62
C TYR A 40 -0.56 -2.85 -3.14
N LEU A 41 -1.22 -2.14 -3.99
CA LEU A 41 -2.55 -2.64 -4.46
C LEU A 41 -2.34 -3.93 -5.27
N GLN A 42 -1.16 -4.15 -5.77
CA GLN A 42 -0.90 -5.39 -6.57
C GLN A 42 -0.73 -6.61 -5.64
N HIS A 43 0.27 -6.61 -4.80
CA HIS A 43 0.50 -7.77 -3.89
C HIS A 43 -0.42 -7.70 -2.70
N LEU A 44 -0.60 -6.53 -2.18
CA LEU A 44 -1.45 -6.39 -0.97
C LEU A 44 -2.92 -6.20 -1.40
N THR A 45 -3.17 -5.88 -2.65
CA THR A 45 -4.59 -5.75 -3.12
C THR A 45 -5.48 -5.05 -2.10
N ALA A 46 -4.94 -4.28 -1.21
CA ALA A 46 -5.82 -3.62 -0.21
C ALA A 46 -6.73 -4.70 0.37
N ARG A 47 -6.11 -5.67 0.97
CA ARG A 47 -6.80 -6.84 1.62
C ARG A 47 -8.33 -6.63 1.71
N ASN A 48 -8.82 -5.93 2.70
CA ASN A 48 -10.30 -5.76 2.81
C ASN A 48 -10.76 -4.54 2.01
N ARG A 49 -10.85 -4.70 0.71
CA ARG A 49 -11.29 -3.55 -0.16
C ARG A 49 -12.37 -2.74 0.53
N PRO A 50 -12.55 -1.54 0.04
CA PRO A 50 -13.58 -0.64 0.56
C PRO A 50 -14.96 -1.06 0.02
N PRO A 51 -15.97 -0.84 0.82
CA PRO A 51 -17.36 -1.19 0.46
C PRO A 51 -17.92 -0.17 -0.54
N LEU A 52 -17.82 -0.45 -1.82
CA LEU A 52 -18.35 0.50 -2.82
C LEU A 52 -19.65 -0.05 -3.41
N PRO A 53 -20.76 0.48 -2.95
CA PRO A 53 -22.10 0.07 -3.41
C PRO A 53 -22.42 0.65 -4.79
N ALA A 54 -21.46 1.22 -5.44
CA ALA A 54 -21.74 1.78 -6.80
C ALA A 54 -22.57 3.06 -6.66
N GLY A 55 -22.42 3.76 -5.58
CA GLY A 55 -23.21 5.03 -5.38
C GLY A 55 -22.57 5.85 -4.27
N THR A 56 -23.11 7.01 -3.97
CA THR A 56 -22.52 7.85 -2.90
C THR A 56 -22.36 7.02 -1.63
N PRO A 1 -2.80 -9.54 8.45
CA PRO A 1 -2.42 -8.23 9.07
C PRO A 1 -3.08 -7.08 8.31
N GLU A 2 -3.92 -6.33 8.97
CA GLU A 2 -4.60 -5.19 8.27
C GLU A 2 -3.54 -4.24 7.71
N PHE A 3 -3.69 -3.85 6.48
CA PHE A 3 -2.70 -2.93 5.86
C PHE A 3 -3.48 -1.84 5.12
N LEU A 4 -2.80 -0.81 4.71
CA LEU A 4 -3.52 0.31 4.01
C LEU A 4 -4.23 -0.19 2.76
N GLU A 5 -5.48 -0.49 2.85
CA GLU A 5 -6.20 -0.93 1.62
C GLU A 5 -6.38 0.32 0.74
N ASP A 6 -5.98 1.47 1.25
CA ASP A 6 -6.07 2.74 0.48
C ASP A 6 -5.08 3.73 1.13
N PRO A 7 -3.88 3.74 0.63
CA PRO A 7 -2.79 4.60 1.16
C PRO A 7 -2.93 6.04 0.67
N SER A 8 -4.02 6.69 0.98
CA SER A 8 -4.18 8.10 0.53
C SER A 8 -3.90 9.05 1.69
N VAL A 9 -3.55 8.54 2.84
CA VAL A 9 -3.29 9.41 4.00
C VAL A 9 -1.79 9.34 4.39
N LEU A 10 -1.04 8.44 3.80
CA LEU A 10 0.41 8.34 4.16
C LEU A 10 1.25 9.01 3.09
N THR A 11 1.51 8.34 2.00
CA THR A 11 2.39 8.91 0.94
C THR A 11 2.97 7.75 0.15
N LYS A 12 3.85 8.01 -0.76
CA LYS A 12 4.46 6.89 -1.52
C LYS A 12 5.69 6.39 -0.76
N ASP A 13 5.85 6.77 0.48
CA ASP A 13 7.05 6.32 1.26
C ASP A 13 6.64 5.57 2.53
N LYS A 14 5.52 5.88 3.14
CA LYS A 14 5.14 5.13 4.35
C LYS A 14 4.61 3.78 3.90
N LEU A 15 3.71 3.77 2.93
CA LEU A 15 3.20 2.47 2.40
C LEU A 15 4.40 1.55 2.20
N LYS A 16 5.58 2.11 2.07
CA LYS A 16 6.78 1.32 1.87
C LYS A 16 7.24 0.75 3.22
N SER A 17 7.47 1.62 4.17
CA SER A 17 7.92 1.17 5.52
C SER A 17 7.08 0.00 5.97
N GLU A 18 5.90 -0.12 5.46
CA GLU A 18 5.02 -1.24 5.86
C GLU A 18 5.21 -2.40 4.87
N LEU A 19 5.04 -2.16 3.60
CA LEU A 19 5.22 -3.23 2.58
C LEU A 19 6.38 -4.15 3.00
N VAL A 20 7.48 -3.56 3.41
CA VAL A 20 8.64 -4.39 3.84
C VAL A 20 8.18 -5.35 4.95
N ALA A 21 7.56 -4.82 5.96
CA ALA A 21 7.08 -5.68 7.08
C ALA A 21 5.96 -6.60 6.61
N ASN A 22 5.37 -6.31 5.48
CA ASN A 22 4.25 -7.16 5.00
C ASN A 22 4.72 -8.11 3.89
N ASN A 23 5.89 -8.65 4.04
CA ASN A 23 6.42 -9.62 3.03
C ASN A 23 6.53 -8.95 1.65
N VAL A 24 7.14 -7.81 1.58
CA VAL A 24 7.28 -7.14 0.25
C VAL A 24 8.65 -6.45 0.19
N THR A 25 9.51 -6.88 -0.69
CA THR A 25 10.84 -6.23 -0.78
C THR A 25 10.68 -4.87 -1.44
N LEU A 26 11.64 -4.01 -1.26
CA LEU A 26 11.56 -2.65 -1.85
C LEU A 26 12.66 -2.52 -2.93
N PRO A 27 12.25 -2.62 -4.18
CA PRO A 27 13.18 -2.54 -5.31
C PRO A 27 13.59 -1.10 -5.58
N ALA A 28 12.67 -0.24 -5.92
CA ALA A 28 13.04 1.18 -6.20
C ALA A 28 13.89 1.72 -5.05
N GLY A 29 14.31 2.95 -5.12
CA GLY A 29 15.14 3.51 -4.02
C GLY A 29 14.33 4.54 -3.24
N GLU A 30 13.35 5.14 -3.87
CA GLU A 30 12.52 6.15 -3.16
C GLU A 30 11.07 6.03 -3.62
N GLN A 31 10.82 6.19 -4.89
CA GLN A 31 9.43 6.09 -5.42
C GLN A 31 9.45 6.43 -6.90
N ARG A 32 9.79 5.47 -7.72
CA ARG A 32 9.82 5.68 -9.17
C ARG A 32 8.69 6.65 -9.56
N LYS A 33 7.48 6.27 -9.25
CA LYS A 33 6.30 7.13 -9.54
C LYS A 33 5.06 6.37 -9.09
N ASP A 34 4.79 6.36 -7.81
CA ASP A 34 3.60 5.61 -7.32
C ASP A 34 3.93 4.11 -7.31
N VAL A 35 5.14 3.74 -7.60
CA VAL A 35 5.50 2.29 -7.62
C VAL A 35 5.12 1.65 -6.28
N TYR A 36 5.19 2.35 -5.18
CA TYR A 36 4.87 1.73 -3.88
C TYR A 36 3.37 1.71 -3.66
N VAL A 37 2.68 2.65 -4.21
CA VAL A 37 1.21 2.68 -4.03
C VAL A 37 0.59 1.61 -4.93
N GLN A 38 1.20 1.36 -6.06
CA GLN A 38 0.70 0.31 -6.97
C GLN A 38 1.25 -1.01 -6.44
N LEU A 39 2.53 -1.05 -6.22
CA LEU A 39 3.17 -2.28 -5.66
C LEU A 39 2.26 -2.79 -4.54
N TYR A 40 1.88 -1.90 -3.68
CA TYR A 40 0.98 -2.26 -2.58
C TYR A 40 -0.29 -2.93 -3.13
N LEU A 41 -1.00 -2.28 -4.01
CA LEU A 41 -2.25 -2.90 -4.52
C LEU A 41 -1.92 -4.24 -5.21
N GLN A 42 -0.68 -4.47 -5.55
CA GLN A 42 -0.33 -5.76 -6.25
C GLN A 42 -0.19 -6.93 -5.27
N HIS A 43 0.76 -6.89 -4.37
CA HIS A 43 0.94 -8.01 -3.41
C HIS A 43 -0.03 -7.86 -2.25
N LEU A 44 -0.38 -6.66 -1.95
CA LEU A 44 -1.29 -6.42 -0.82
C LEU A 44 -2.74 -6.33 -1.34
N THR A 45 -2.93 -6.11 -2.62
CA THR A 45 -4.32 -6.07 -3.17
C THR A 45 -5.26 -5.28 -2.27
N ALA A 46 -4.77 -4.34 -1.52
CA ALA A 46 -5.68 -3.59 -0.63
C ALA A 46 -6.58 -4.59 0.09
N ARG A 47 -5.96 -5.50 0.75
CA ARG A 47 -6.65 -6.58 1.52
C ARG A 47 -8.15 -6.32 1.77
N ASN A 48 -8.51 -5.57 2.79
CA ASN A 48 -9.98 -5.36 3.06
C ASN A 48 -10.48 -4.02 2.53
N ARG A 49 -10.17 -3.70 1.30
CA ARG A 49 -10.67 -2.43 0.70
C ARG A 49 -10.56 -1.25 1.66
N PRO A 50 -10.93 -0.09 1.16
CA PRO A 50 -10.91 1.13 1.96
C PRO A 50 -12.21 1.24 2.77
N PRO A 51 -12.16 2.04 3.82
CA PRO A 51 -13.32 2.25 4.70
C PRO A 51 -14.31 3.22 4.05
N LEU A 52 -15.17 2.72 3.22
CA LEU A 52 -16.17 3.61 2.54
C LEU A 52 -17.58 3.24 3.00
N PRO A 53 -18.48 4.20 2.94
CA PRO A 53 -19.88 4.01 3.34
C PRO A 53 -20.68 3.30 2.26
N ALA A 54 -20.10 2.34 1.59
CA ALA A 54 -20.85 1.63 0.54
C ALA A 54 -21.07 2.56 -0.67
N GLY A 55 -20.49 3.72 -0.64
CA GLY A 55 -20.67 4.67 -1.78
C GLY A 55 -19.97 5.99 -1.46
N THR A 56 -20.01 6.94 -2.37
CA THR A 56 -19.34 8.25 -2.09
C THR A 56 -19.65 9.22 -3.24
N PRO A 1 -3.62 -9.59 9.76
CA PRO A 1 -2.54 -8.69 9.23
C PRO A 1 -3.18 -7.52 8.46
N GLU A 2 -3.73 -6.57 9.17
CA GLU A 2 -4.36 -5.41 8.48
C GLU A 2 -3.27 -4.51 7.90
N PHE A 3 -3.50 -3.98 6.73
CA PHE A 3 -2.47 -3.10 6.09
C PHE A 3 -3.22 -1.96 5.40
N LEU A 4 -2.51 -0.92 5.06
CA LEU A 4 -3.16 0.24 4.39
C LEU A 4 -3.98 -0.23 3.17
N GLU A 5 -5.20 -0.62 3.36
CA GLU A 5 -6.01 -1.07 2.19
C GLU A 5 -6.20 0.14 1.26
N ASP A 6 -5.88 1.31 1.73
CA ASP A 6 -6.01 2.52 0.89
C ASP A 6 -5.02 3.58 1.41
N PRO A 7 -3.86 3.62 0.80
CA PRO A 7 -2.80 4.58 1.17
C PRO A 7 -3.08 5.97 0.64
N SER A 8 -4.31 6.43 0.71
CA SER A 8 -4.62 7.79 0.21
C SER A 8 -4.06 8.83 1.19
N VAL A 9 -3.44 8.40 2.25
CA VAL A 9 -2.89 9.37 3.23
C VAL A 9 -1.36 9.23 3.34
N LEU A 10 -0.83 8.05 3.16
CA LEU A 10 0.65 7.90 3.27
C LEU A 10 1.32 8.11 1.92
N THR A 11 2.27 8.97 1.94
CA THR A 11 3.08 9.26 0.75
C THR A 11 3.48 7.96 0.08
N LYS A 12 4.23 8.03 -0.97
CA LYS A 12 4.69 6.78 -1.62
C LYS A 12 5.90 6.24 -0.84
N ASP A 13 6.29 6.91 0.21
CA ASP A 13 7.48 6.47 1.00
C ASP A 13 7.08 5.73 2.28
N LYS A 14 5.86 5.80 2.70
CA LYS A 14 5.46 5.08 3.95
C LYS A 14 4.92 3.72 3.57
N LEU A 15 3.88 3.72 2.78
CA LEU A 15 3.26 2.44 2.34
C LEU A 15 4.34 1.39 2.08
N LYS A 16 5.53 1.81 1.74
CA LYS A 16 6.58 0.85 1.48
C LYS A 16 7.18 0.40 2.80
N SER A 17 7.52 1.33 3.62
CA SER A 17 8.08 0.98 4.96
C SER A 17 7.24 -0.16 5.53
N GLU A 18 5.98 -0.22 5.16
CA GLU A 18 5.12 -1.32 5.64
C GLU A 18 5.32 -2.54 4.74
N LEU A 19 5.02 -2.41 3.46
CA LEU A 19 5.21 -3.55 2.51
C LEU A 19 6.45 -4.35 2.93
N VAL A 20 7.45 -3.67 3.39
CA VAL A 20 8.69 -4.34 3.83
C VAL A 20 8.31 -5.41 4.87
N ALA A 21 7.70 -4.98 5.94
CA ALA A 21 7.28 -5.93 7.01
C ALA A 21 6.15 -6.84 6.50
N ASN A 22 5.50 -6.47 5.44
CA ASN A 22 4.36 -7.29 4.93
C ASN A 22 4.82 -8.25 3.82
N ASN A 23 6.00 -8.78 3.94
CA ASN A 23 6.51 -9.75 2.92
C ASN A 23 6.51 -9.14 1.51
N VAL A 24 7.15 -8.02 1.33
CA VAL A 24 7.21 -7.41 -0.03
C VAL A 24 8.56 -6.71 -0.18
N THR A 25 9.16 -6.80 -1.34
CA THR A 25 10.49 -6.17 -1.52
C THR A 25 10.36 -4.70 -1.93
N LEU A 26 11.38 -3.95 -1.65
CA LEU A 26 11.42 -2.51 -1.97
C LEU A 26 12.71 -2.22 -2.76
N PRO A 27 12.56 -1.91 -4.02
CA PRO A 27 13.71 -1.63 -4.91
C PRO A 27 14.08 -0.15 -4.88
N ALA A 28 13.43 0.66 -5.68
CA ALA A 28 13.76 2.12 -5.72
C ALA A 28 13.90 2.67 -4.29
N GLY A 29 14.31 3.89 -4.17
CA GLY A 29 14.47 4.50 -2.81
C GLY A 29 13.30 5.45 -2.55
N GLU A 30 13.48 6.72 -2.78
CA GLU A 30 12.36 7.68 -2.55
C GLU A 30 11.09 7.08 -3.19
N GLN A 31 11.07 6.95 -4.48
CA GLN A 31 9.89 6.34 -5.14
C GLN A 31 10.08 6.33 -6.65
N ARG A 32 9.94 5.18 -7.23
CA ARG A 32 10.07 5.03 -8.69
C ARG A 32 9.01 5.92 -9.35
N LYS A 33 7.76 5.63 -9.08
CA LYS A 33 6.64 6.43 -9.66
C LYS A 33 5.33 5.81 -9.17
N ASP A 34 4.87 6.17 -8.01
CA ASP A 34 3.61 5.54 -7.52
C ASP A 34 3.82 4.03 -7.48
N VAL A 35 5.04 3.61 -7.24
CA VAL A 35 5.34 2.16 -7.21
C VAL A 35 4.87 1.55 -5.90
N TYR A 36 5.18 2.16 -4.81
CA TYR A 36 4.78 1.57 -3.53
C TYR A 36 3.29 1.63 -3.38
N VAL A 37 2.66 2.54 -4.06
CA VAL A 37 1.19 2.63 -3.98
C VAL A 37 0.61 1.56 -4.91
N GLN A 38 1.21 1.37 -6.06
CA GLN A 38 0.75 0.31 -6.98
C GLN A 38 1.13 -1.02 -6.34
N LEU A 39 2.42 -1.29 -6.28
CA LEU A 39 2.95 -2.55 -5.64
C LEU A 39 1.99 -2.98 -4.54
N TYR A 40 1.72 -2.09 -3.62
CA TYR A 40 0.79 -2.41 -2.51
C TYR A 40 -0.52 -2.99 -3.07
N LEU A 41 -1.22 -2.24 -3.88
CA LEU A 41 -2.52 -2.75 -4.39
C LEU A 41 -2.32 -4.08 -5.14
N GLN A 42 -1.12 -4.36 -5.59
CA GLN A 42 -0.88 -5.63 -6.35
C GLN A 42 -0.79 -6.85 -5.41
N HIS A 43 0.20 -6.90 -4.55
CA HIS A 43 0.35 -8.07 -3.65
C HIS A 43 -0.59 -7.93 -2.46
N LEU A 44 -0.79 -6.74 -2.03
CA LEU A 44 -1.66 -6.53 -0.86
C LEU A 44 -3.11 -6.37 -1.33
N THR A 45 -3.33 -6.04 -2.57
CA THR A 45 -4.73 -5.91 -3.06
C THR A 45 -5.60 -5.14 -2.09
N ALA A 46 -5.01 -4.34 -1.24
CA ALA A 46 -5.83 -3.59 -0.27
C ALA A 46 -6.81 -4.56 0.39
N ARG A 47 -6.27 -5.61 0.95
CA ARG A 47 -7.08 -6.66 1.65
C ARG A 47 -8.50 -6.18 1.94
N ASN A 48 -8.69 -5.43 2.99
CA ASN A 48 -10.07 -4.92 3.31
C ASN A 48 -10.34 -3.68 2.45
N ARG A 49 -10.62 -3.88 1.18
CA ARG A 49 -10.88 -2.71 0.27
C ARG A 49 -11.67 -1.63 1.00
N PRO A 50 -11.53 -0.42 0.53
CA PRO A 50 -12.26 0.70 1.10
C PRO A 50 -13.67 0.77 0.49
N PRO A 51 -14.67 0.85 1.34
CA PRO A 51 -16.06 0.92 0.89
C PRO A 51 -16.40 2.35 0.41
N LEU A 52 -15.41 3.20 0.29
CA LEU A 52 -15.68 4.59 -0.18
C LEU A 52 -16.64 5.28 0.81
N PRO A 53 -16.45 6.57 0.97
CA PRO A 53 -17.28 7.38 1.87
C PRO A 53 -18.63 7.70 1.23
N ALA A 54 -18.90 7.13 0.08
CA ALA A 54 -20.21 7.40 -0.57
C ALA A 54 -20.22 8.82 -1.12
N GLY A 55 -19.39 9.08 -2.10
CA GLY A 55 -19.35 10.45 -2.70
C GLY A 55 -18.65 10.39 -4.05
N THR A 56 -18.86 9.35 -4.81
CA THR A 56 -18.21 9.24 -6.15
C THR A 56 -18.30 10.58 -6.87
N PRO A 1 -1.06 -8.69 9.13
CA PRO A 1 -2.06 -8.25 10.15
C PRO A 1 -2.66 -6.91 9.73
N GLU A 2 -3.58 -6.93 8.81
CA GLU A 2 -4.21 -5.66 8.35
C GLU A 2 -3.14 -4.74 7.76
N PHE A 3 -3.44 -4.11 6.66
CA PHE A 3 -2.44 -3.21 6.02
C PHE A 3 -3.20 -2.10 5.30
N LEU A 4 -2.67 -0.92 5.30
CA LEU A 4 -3.38 0.21 4.62
C LEU A 4 -3.99 -0.26 3.29
N GLU A 5 -5.22 -0.68 3.30
CA GLU A 5 -5.88 -1.11 2.04
C GLU A 5 -6.25 0.15 1.24
N ASP A 6 -5.86 1.31 1.73
CA ASP A 6 -6.15 2.58 1.02
C ASP A 6 -5.16 3.64 1.51
N PRO A 7 -3.99 3.62 0.91
CA PRO A 7 -2.91 4.56 1.25
C PRO A 7 -3.19 5.92 0.59
N SER A 8 -4.20 6.61 1.02
CA SER A 8 -4.50 7.93 0.40
C SER A 8 -4.02 9.08 1.30
N VAL A 9 -3.44 8.79 2.44
CA VAL A 9 -2.96 9.91 3.32
C VAL A 9 -1.46 9.76 3.59
N LEU A 10 -1.00 8.58 3.91
CA LEU A 10 0.46 8.39 4.19
C LEU A 10 1.28 9.08 3.09
N THR A 11 1.61 8.39 2.01
CA THR A 11 2.46 8.98 0.96
C THR A 11 3.11 7.82 0.21
N LYS A 12 3.98 8.10 -0.70
CA LYS A 12 4.66 6.97 -1.40
C LYS A 12 5.90 6.59 -0.57
N ASP A 13 5.96 7.03 0.66
CA ASP A 13 7.14 6.74 1.52
C ASP A 13 6.76 5.84 2.71
N LYS A 14 5.56 5.94 3.23
CA LYS A 14 5.17 5.09 4.38
C LYS A 14 4.70 3.73 3.87
N LEU A 15 3.76 3.73 2.97
CA LEU A 15 3.23 2.45 2.43
C LEU A 15 4.38 1.48 2.21
N LYS A 16 5.58 1.98 2.05
CA LYS A 16 6.74 1.08 1.85
C LYS A 16 7.19 0.56 3.20
N SER A 17 7.44 1.46 4.13
CA SER A 17 7.87 1.03 5.48
C SER A 17 7.01 -0.14 5.93
N GLU A 18 5.82 -0.23 5.38
CA GLU A 18 4.90 -1.34 5.73
C GLU A 18 5.18 -2.52 4.79
N LEU A 19 4.99 -2.34 3.50
CA LEU A 19 5.26 -3.44 2.52
C LEU A 19 6.42 -4.31 3.00
N VAL A 20 7.41 -3.72 3.60
CA VAL A 20 8.57 -4.52 4.11
C VAL A 20 8.11 -5.35 5.30
N ALA A 21 7.54 -4.72 6.28
CA ALA A 21 7.07 -5.45 7.48
C ALA A 21 6.02 -6.49 7.08
N ASN A 22 5.53 -6.43 5.88
CA ASN A 22 4.49 -7.40 5.45
C ASN A 22 5.11 -8.50 4.58
N ASN A 23 5.26 -8.28 3.30
CA ASN A 23 5.86 -9.35 2.45
C ASN A 23 6.11 -8.82 1.04
N VAL A 24 6.81 -7.73 0.91
CA VAL A 24 7.09 -7.17 -0.44
C VAL A 24 8.49 -6.53 -0.45
N THR A 25 9.24 -6.71 -1.50
CA THR A 25 10.60 -6.12 -1.55
C THR A 25 10.47 -4.63 -1.89
N LEU A 26 11.49 -3.87 -1.60
CA LEU A 26 11.45 -2.41 -1.89
C LEU A 26 12.52 -2.08 -2.95
N PRO A 27 12.09 -1.82 -4.16
CA PRO A 27 13.00 -1.51 -5.27
C PRO A 27 13.22 0.01 -5.32
N ALA A 28 13.66 0.53 -6.44
CA ALA A 28 13.88 2.01 -6.53
C ALA A 28 14.62 2.49 -5.27
N GLY A 29 14.69 3.77 -5.07
CA GLY A 29 15.38 4.29 -3.86
C GLY A 29 14.34 4.98 -2.96
N GLU A 30 13.53 5.81 -3.54
CA GLU A 30 12.47 6.51 -2.75
C GLU A 30 11.11 6.20 -3.39
N GLN A 31 11.06 6.14 -4.69
CA GLN A 31 9.80 5.83 -5.40
C GLN A 31 10.05 5.86 -6.89
N ARG A 32 9.84 4.75 -7.53
CA ARG A 32 10.05 4.64 -8.97
C ARG A 32 9.01 5.50 -9.68
N LYS A 33 7.76 5.35 -9.29
CA LYS A 33 6.66 6.14 -9.88
C LYS A 33 5.36 5.62 -9.27
N ASP A 34 4.97 6.08 -8.10
CA ASP A 34 3.72 5.51 -7.51
C ASP A 34 3.89 4.00 -7.53
N VAL A 35 5.11 3.54 -7.38
CA VAL A 35 5.37 2.09 -7.41
C VAL A 35 5.11 1.49 -6.04
N TYR A 36 5.19 2.25 -5.00
CA TYR A 36 4.92 1.70 -3.66
C TYR A 36 3.42 1.66 -3.46
N VAL A 37 2.77 2.64 -4.00
CA VAL A 37 1.30 2.72 -3.89
C VAL A 37 0.71 1.62 -4.78
N GLN A 38 1.10 1.60 -6.02
CA GLN A 38 0.60 0.55 -6.95
C GLN A 38 1.09 -0.80 -6.44
N LEU A 39 2.37 -0.89 -6.16
CA LEU A 39 2.94 -2.19 -5.63
C LEU A 39 1.97 -2.73 -4.59
N TYR A 40 1.67 -1.92 -3.62
CA TYR A 40 0.75 -2.31 -2.54
C TYR A 40 -0.51 -2.95 -3.12
N LEU A 41 -1.18 -2.31 -4.04
CA LEU A 41 -2.43 -2.91 -4.57
C LEU A 41 -2.12 -4.21 -5.32
N GLN A 42 -0.92 -4.35 -5.82
CA GLN A 42 -0.57 -5.57 -6.59
C GLN A 42 -0.45 -6.81 -5.68
N HIS A 43 0.42 -6.76 -4.70
CA HIS A 43 0.60 -7.94 -3.79
C HIS A 43 -0.34 -7.84 -2.62
N LEU A 44 -0.56 -6.66 -2.13
CA LEU A 44 -1.44 -6.50 -0.96
C LEU A 44 -2.89 -6.29 -1.42
N THR A 45 -3.10 -5.99 -2.68
CA THR A 45 -4.49 -5.82 -3.20
C THR A 45 -5.40 -5.13 -2.19
N ALA A 46 -4.87 -4.34 -1.32
CA ALA A 46 -5.74 -3.66 -0.33
C ALA A 46 -6.68 -4.71 0.26
N ARG A 47 -6.10 -5.70 0.83
CA ARG A 47 -6.81 -6.83 1.48
C ARG A 47 -8.32 -6.56 1.68
N ASN A 48 -8.72 -5.88 2.73
CA ASN A 48 -10.20 -5.66 2.94
C ASN A 48 -10.59 -4.22 2.63
N ARG A 49 -9.70 -3.41 2.11
CA ARG A 49 -10.09 -2.01 1.81
C ARG A 49 -10.66 -1.35 3.05
N PRO A 50 -10.83 -0.05 2.98
CA PRO A 50 -11.40 0.70 4.09
C PRO A 50 -12.94 0.61 4.06
N PRO A 51 -13.51 0.21 5.17
CA PRO A 51 -14.98 0.08 5.30
C PRO A 51 -15.62 1.46 5.48
N LEU A 52 -16.04 2.09 4.42
CA LEU A 52 -16.66 3.44 4.53
C LEU A 52 -18.14 3.36 4.13
N PRO A 53 -18.97 3.00 5.08
CA PRO A 53 -20.42 2.89 4.86
C PRO A 53 -21.07 4.27 4.87
N ALA A 54 -22.36 4.33 5.02
CA ALA A 54 -23.03 5.65 5.01
C ALA A 54 -24.54 5.48 4.87
N GLY A 55 -25.27 6.56 4.83
CA GLY A 55 -26.75 6.44 4.70
C GLY A 55 -27.31 7.76 4.16
N THR A 56 -26.50 8.54 3.51
CA THR A 56 -26.98 9.84 2.97
C THR A 56 -27.24 9.70 1.47
N PRO A 1 -4.03 -10.29 9.89
CA PRO A 1 -3.58 -8.91 10.27
C PRO A 1 -4.23 -7.88 9.35
N GLU A 2 -3.64 -6.73 9.21
CA GLU A 2 -4.23 -5.68 8.33
C GLU A 2 -3.12 -4.77 7.80
N PHE A 3 -3.38 -4.11 6.70
CA PHE A 3 -2.35 -3.22 6.11
C PHE A 3 -3.09 -2.02 5.48
N LEU A 4 -2.39 -1.11 4.86
CA LEU A 4 -3.08 0.06 4.26
C LEU A 4 -3.97 -0.41 3.11
N GLU A 5 -5.16 -0.81 3.40
CA GLU A 5 -6.06 -1.23 2.31
C GLU A 5 -6.34 -0.01 1.44
N ASP A 6 -5.97 1.15 1.93
CA ASP A 6 -6.15 2.42 1.19
C ASP A 6 -5.06 3.38 1.69
N PRO A 7 -3.88 3.24 1.15
CA PRO A 7 -2.72 4.08 1.55
C PRO A 7 -2.79 5.48 0.93
N SER A 8 -3.96 6.08 0.88
CA SER A 8 -4.07 7.44 0.30
C SER A 8 -3.65 8.49 1.34
N VAL A 9 -3.37 8.06 2.54
CA VAL A 9 -2.96 9.03 3.59
C VAL A 9 -1.45 8.97 3.79
N LEU A 10 -0.78 8.03 3.16
CA LEU A 10 0.69 7.93 3.31
C LEU A 10 1.36 8.19 1.98
N THR A 11 2.29 9.06 2.02
CA THR A 11 3.11 9.39 0.84
C THR A 11 3.55 8.10 0.17
N LYS A 12 4.29 8.19 -0.87
CA LYS A 12 4.79 6.96 -1.51
C LYS A 12 6.00 6.46 -0.70
N ASP A 13 6.32 7.15 0.38
CA ASP A 13 7.51 6.77 1.21
C ASP A 13 7.11 5.96 2.46
N LYS A 14 5.87 5.99 2.88
CA LYS A 14 5.51 5.20 4.09
C LYS A 14 5.01 3.84 3.63
N LEU A 15 3.99 3.82 2.81
CA LEU A 15 3.43 2.54 2.32
C LEU A 15 4.55 1.54 2.08
N LYS A 16 5.74 2.01 1.81
CA LYS A 16 6.85 1.08 1.58
C LYS A 16 7.37 0.61 2.92
N SER A 17 7.69 1.52 3.79
CA SER A 17 8.18 1.12 5.14
C SER A 17 7.29 0.01 5.66
N GLU A 18 6.06 0.00 5.20
CA GLU A 18 5.11 -1.05 5.63
C GLU A 18 5.30 -2.28 4.75
N LEU A 19 5.10 -2.16 3.46
CA LEU A 19 5.26 -3.33 2.54
C LEU A 19 6.41 -4.22 3.02
N VAL A 20 7.46 -3.65 3.55
CA VAL A 20 8.59 -4.47 4.04
C VAL A 20 8.08 -5.39 5.15
N ALA A 21 7.48 -4.83 6.16
CA ALA A 21 6.96 -5.67 7.29
C ALA A 21 5.93 -6.68 6.77
N ASN A 22 5.04 -6.25 5.91
CA ASN A 22 3.98 -7.13 5.37
C ASN A 22 4.52 -8.08 4.28
N ASN A 23 5.80 -8.40 4.33
CA ASN A 23 6.38 -9.36 3.34
C ASN A 23 6.37 -8.81 1.91
N VAL A 24 7.20 -7.85 1.63
CA VAL A 24 7.27 -7.29 0.25
C VAL A 24 8.63 -6.61 0.07
N THR A 25 9.40 -7.01 -0.89
CA THR A 25 10.72 -6.37 -1.09
C THR A 25 10.54 -4.96 -1.62
N LEU A 26 11.53 -4.14 -1.44
CA LEU A 26 11.45 -2.73 -1.91
C LEU A 26 12.52 -2.53 -3.01
N PRO A 27 12.08 -2.22 -4.20
CA PRO A 27 12.99 -2.01 -5.34
C PRO A 27 13.66 -0.64 -5.25
N ALA A 28 13.07 0.37 -5.86
CA ALA A 28 13.68 1.72 -5.81
C ALA A 28 13.79 2.18 -4.36
N GLY A 29 14.23 3.39 -4.13
CA GLY A 29 14.35 3.89 -2.74
C GLY A 29 13.35 5.03 -2.51
N GLU A 30 13.44 6.08 -3.28
CA GLU A 30 12.48 7.21 -3.10
C GLU A 30 11.09 6.77 -3.57
N GLN A 31 10.86 6.76 -4.85
CA GLN A 31 9.54 6.32 -5.37
C GLN A 31 9.54 6.43 -6.90
N ARG A 32 9.96 5.39 -7.55
CA ARG A 32 10.00 5.35 -9.03
C ARG A 32 8.89 6.22 -9.62
N LYS A 33 7.66 5.89 -9.36
CA LYS A 33 6.52 6.69 -9.89
C LYS A 33 5.22 6.04 -9.43
N ASP A 34 4.87 6.21 -8.18
CA ASP A 34 3.62 5.57 -7.68
C ASP A 34 3.85 4.06 -7.59
N VAL A 35 5.07 3.62 -7.78
CA VAL A 35 5.38 2.16 -7.72
C VAL A 35 4.99 1.56 -6.38
N TYR A 36 5.11 2.29 -5.31
CA TYR A 36 4.80 1.70 -4.00
C TYR A 36 3.32 1.75 -3.72
N VAL A 37 2.65 2.69 -4.30
CA VAL A 37 1.20 2.78 -4.09
C VAL A 37 0.53 1.73 -5.00
N GLN A 38 1.14 1.47 -6.12
CA GLN A 38 0.62 0.43 -7.04
C GLN A 38 1.09 -0.92 -6.51
N LEU A 39 2.34 -0.97 -6.17
CA LEU A 39 2.92 -2.23 -5.60
C LEU A 39 2.02 -2.70 -4.47
N TYR A 40 1.70 -1.80 -3.58
CA TYR A 40 0.80 -2.15 -2.47
C TYR A 40 -0.49 -2.78 -3.01
N LEU A 41 -1.21 -2.07 -3.84
CA LEU A 41 -2.48 -2.65 -4.35
C LEU A 41 -2.19 -3.94 -5.15
N GLN A 42 -0.96 -4.15 -5.54
CA GLN A 42 -0.63 -5.38 -6.34
C GLN A 42 -0.53 -6.62 -5.44
N HIS A 43 0.43 -6.66 -4.54
CA HIS A 43 0.58 -7.85 -3.66
C HIS A 43 -0.39 -7.75 -2.50
N LEU A 44 -0.61 -6.56 -2.05
CA LEU A 44 -1.52 -6.37 -0.91
C LEU A 44 -2.96 -6.19 -1.42
N THR A 45 -3.14 -5.81 -2.66
CA THR A 45 -4.52 -5.66 -3.21
C THR A 45 -5.44 -4.98 -2.21
N ALA A 46 -4.92 -4.23 -1.29
CA ALA A 46 -5.81 -3.58 -0.30
C ALA A 46 -6.78 -4.65 0.22
N ARG A 47 -6.22 -5.70 0.73
CA ARG A 47 -6.99 -6.86 1.28
C ARG A 47 -8.49 -6.54 1.43
N ASN A 48 -8.92 -5.91 2.48
CA ASN A 48 -10.39 -5.61 2.61
C ASN A 48 -10.68 -4.25 1.96
N ARG A 49 -10.43 -4.14 0.69
CA ARG A 49 -10.67 -2.85 -0.03
C ARG A 49 -11.91 -2.16 0.51
N PRO A 50 -11.97 -0.86 0.34
CA PRO A 50 -13.12 -0.09 0.77
C PRO A 50 -14.23 -0.15 -0.29
N PRO A 51 -15.38 -0.64 0.10
CA PRO A 51 -16.53 -0.75 -0.80
C PRO A 51 -17.20 0.61 -0.97
N LEU A 52 -16.76 1.39 -1.92
CA LEU A 52 -17.36 2.73 -2.14
C LEU A 52 -18.82 2.58 -2.58
N PRO A 53 -19.67 3.47 -2.10
CA PRO A 53 -21.09 3.46 -2.44
C PRO A 53 -21.31 4.05 -3.82
N ALA A 54 -22.50 4.53 -4.09
CA ALA A 54 -22.76 5.10 -5.44
C ALA A 54 -24.16 5.72 -5.47
N GLY A 55 -25.09 5.14 -4.77
CA GLY A 55 -26.48 5.69 -4.76
C GLY A 55 -27.49 4.57 -4.56
N THR A 56 -27.30 3.45 -5.23
CA THR A 56 -28.25 2.32 -5.08
C THR A 56 -27.99 1.28 -6.17
N PRO A 1 -0.70 -8.17 10.12
CA PRO A 1 -2.17 -8.25 9.82
C PRO A 1 -2.72 -6.84 9.56
N GLU A 2 -3.64 -6.71 8.65
CA GLU A 2 -4.21 -5.37 8.34
C GLU A 2 -3.12 -4.47 7.74
N PHE A 3 -3.33 -4.00 6.55
CA PHE A 3 -2.31 -3.13 5.91
C PHE A 3 -3.03 -1.96 5.23
N LEU A 4 -2.31 -0.93 4.93
CA LEU A 4 -2.95 0.26 4.27
C LEU A 4 -3.76 -0.17 3.04
N GLU A 5 -5.00 -0.53 3.23
CA GLU A 5 -5.84 -0.92 2.06
C GLU A 5 -6.13 0.34 1.23
N ASP A 6 -5.73 1.48 1.73
CA ASP A 6 -5.95 2.75 1.00
C ASP A 6 -4.90 3.75 1.47
N PRO A 7 -3.77 3.74 0.82
CA PRO A 7 -2.63 4.62 1.17
C PRO A 7 -2.85 6.06 0.70
N SER A 8 -4.06 6.54 0.70
CA SER A 8 -4.30 7.94 0.26
C SER A 8 -4.05 8.88 1.45
N VAL A 9 -3.52 8.37 2.53
CA VAL A 9 -3.26 9.23 3.71
C VAL A 9 -1.77 9.19 4.09
N LEU A 10 -1.04 8.21 3.62
CA LEU A 10 0.41 8.16 3.98
C LEU A 10 1.21 8.90 2.91
N THR A 11 1.57 8.26 1.83
CA THR A 11 2.41 8.91 0.79
C THR A 11 3.19 7.81 0.09
N LYS A 12 4.02 8.16 -0.84
CA LYS A 12 4.86 7.14 -1.50
C LYS A 12 6.11 6.88 -0.64
N ASP A 13 5.96 6.85 0.65
CA ASP A 13 7.12 6.63 1.56
C ASP A 13 6.71 5.65 2.68
N LYS A 14 5.59 5.90 3.30
CA LYS A 14 5.14 5.00 4.39
C LYS A 14 4.71 3.67 3.79
N LEU A 15 3.82 3.69 2.85
CA LEU A 15 3.35 2.42 2.22
C LEU A 15 4.53 1.47 2.02
N LYS A 16 5.73 1.98 1.89
CA LYS A 16 6.89 1.11 1.69
C LYS A 16 7.39 0.62 3.05
N SER A 17 7.57 1.52 3.98
CA SER A 17 8.03 1.11 5.33
C SER A 17 7.18 -0.08 5.79
N GLU A 18 6.01 -0.22 5.23
CA GLU A 18 5.13 -1.35 5.62
C GLU A 18 5.37 -2.51 4.66
N LEU A 19 5.12 -2.32 3.38
CA LEU A 19 5.35 -3.43 2.38
C LEU A 19 6.50 -4.32 2.84
N VAL A 20 7.51 -3.73 3.43
CA VAL A 20 8.67 -4.52 3.93
C VAL A 20 8.21 -5.34 5.14
N ALA A 21 7.69 -4.68 6.12
CA ALA A 21 7.21 -5.38 7.35
C ALA A 21 6.13 -6.39 7.00
N ASN A 22 5.60 -6.34 5.81
CA ASN A 22 4.51 -7.28 5.43
C ASN A 22 5.06 -8.42 4.57
N ASN A 23 5.19 -8.23 3.28
CA ASN A 23 5.72 -9.35 2.44
C ASN A 23 6.02 -8.85 1.04
N VAL A 24 6.72 -7.76 0.91
CA VAL A 24 7.05 -7.21 -0.43
C VAL A 24 8.45 -6.61 -0.40
N THR A 25 9.24 -6.84 -1.43
CA THR A 25 10.61 -6.27 -1.44
C THR A 25 10.53 -4.80 -1.88
N LEU A 26 11.57 -4.05 -1.62
CA LEU A 26 11.57 -2.61 -2.01
C LEU A 26 12.63 -2.40 -3.10
N PRO A 27 12.19 -2.12 -4.30
CA PRO A 27 13.09 -1.92 -5.45
C PRO A 27 13.77 -0.53 -5.38
N ALA A 28 13.03 0.51 -5.61
CA ALA A 28 13.64 1.88 -5.58
C ALA A 28 13.64 2.44 -4.16
N GLY A 29 14.08 3.65 -3.99
CA GLY A 29 14.09 4.27 -2.62
C GLY A 29 12.93 5.25 -2.51
N GLU A 30 13.15 6.50 -2.85
CA GLU A 30 12.04 7.49 -2.76
C GLU A 30 10.78 6.87 -3.37
N GLN A 31 10.77 6.72 -4.67
CA GLN A 31 9.61 6.08 -5.36
C GLN A 31 9.91 6.07 -6.85
N ARG A 32 9.92 4.90 -7.42
CA ARG A 32 10.19 4.79 -8.87
C ARG A 32 9.12 5.59 -9.62
N LYS A 33 7.89 5.36 -9.28
CA LYS A 33 6.77 6.09 -9.94
C LYS A 33 5.46 5.51 -9.38
N ASP A 34 5.02 5.95 -8.24
CA ASP A 34 3.77 5.35 -7.68
C ASP A 34 3.97 3.83 -7.72
N VAL A 35 5.19 3.40 -7.63
CA VAL A 35 5.47 1.93 -7.69
C VAL A 35 5.16 1.26 -6.37
N TYR A 36 5.18 1.97 -5.28
CA TYR A 36 4.88 1.35 -3.98
C TYR A 36 3.42 1.49 -3.71
N VAL A 37 2.84 2.54 -4.23
CA VAL A 37 1.41 2.74 -4.03
C VAL A 37 0.71 1.67 -4.89
N GLN A 38 1.20 1.47 -6.09
CA GLN A 38 0.63 0.42 -6.98
C GLN A 38 1.11 -0.93 -6.45
N LEU A 39 2.41 -1.08 -6.31
CA LEU A 39 2.99 -2.38 -5.77
C LEU A 39 2.06 -2.87 -4.67
N TYR A 40 1.72 -1.98 -3.78
CA TYR A 40 0.82 -2.32 -2.68
C TYR A 40 -0.48 -2.93 -3.23
N LEU A 41 -1.19 -2.23 -4.06
CA LEU A 41 -2.47 -2.81 -4.55
C LEU A 41 -2.21 -4.14 -5.29
N GLN A 42 -0.99 -4.37 -5.72
CA GLN A 42 -0.70 -5.64 -6.46
C GLN A 42 -0.59 -6.85 -5.53
N HIS A 43 0.38 -6.86 -4.65
CA HIS A 43 0.54 -8.03 -3.73
C HIS A 43 -0.39 -7.89 -2.54
N LEU A 44 -0.60 -6.68 -2.13
CA LEU A 44 -1.47 -6.45 -0.95
C LEU A 44 -2.93 -6.26 -1.41
N THR A 45 -3.15 -5.98 -2.68
CA THR A 45 -4.56 -5.83 -3.16
C THR A 45 -5.43 -5.08 -2.16
N ALA A 46 -4.85 -4.26 -1.34
CA ALA A 46 -5.69 -3.53 -0.35
C ALA A 46 -6.65 -4.53 0.30
N ARG A 47 -6.07 -5.53 0.88
CA ARG A 47 -6.82 -6.61 1.59
C ARG A 47 -8.28 -6.22 1.90
N ASN A 48 -8.51 -5.50 2.97
CA ASN A 48 -9.93 -5.14 3.33
C ASN A 48 -10.47 -4.01 2.44
N ARG A 49 -9.61 -3.26 1.80
CA ARG A 49 -10.08 -2.17 0.93
C ARG A 49 -11.13 -1.30 1.60
N PRO A 50 -11.52 -0.28 0.88
CA PRO A 50 -12.51 0.67 1.35
C PRO A 50 -13.92 0.25 0.92
N PRO A 51 -14.85 0.28 1.84
CA PRO A 51 -16.25 -0.09 1.56
C PRO A 51 -16.99 1.04 0.84
N LEU A 52 -16.27 2.05 0.40
CA LEU A 52 -16.94 3.17 -0.31
C LEU A 52 -18.20 3.58 0.47
N PRO A 53 -18.00 4.34 1.51
CA PRO A 53 -19.11 4.82 2.37
C PRO A 53 -19.82 6.00 1.71
N ALA A 54 -19.46 6.32 0.50
CA ALA A 54 -20.15 7.45 -0.18
C ALA A 54 -19.74 8.77 0.47
N GLY A 55 -18.65 8.78 1.18
CA GLY A 55 -18.20 10.04 1.84
C GLY A 55 -16.68 10.02 2.01
N THR A 56 -15.98 9.48 1.04
CA THR A 56 -14.49 9.43 1.14
C THR A 56 -14.09 9.00 2.55
N PRO A 1 -3.40 -9.47 9.98
CA PRO A 1 -2.32 -8.54 9.54
C PRO A 1 -2.89 -7.14 9.33
N GLU A 2 -3.88 -7.01 8.51
CA GLU A 2 -4.49 -5.66 8.27
C GLU A 2 -3.40 -4.71 7.74
N PHE A 3 -3.52 -4.29 6.52
CA PHE A 3 -2.50 -3.36 5.95
C PHE A 3 -3.22 -2.18 5.30
N LEU A 4 -2.53 -1.11 5.09
CA LEU A 4 -3.15 0.09 4.47
C LEU A 4 -3.88 -0.31 3.18
N GLU A 5 -5.11 -0.72 3.29
CA GLU A 5 -5.87 -1.11 2.06
C GLU A 5 -6.06 0.13 1.19
N ASP A 6 -5.75 1.28 1.72
CA ASP A 6 -5.89 2.55 0.95
C ASP A 6 -4.92 3.56 1.53
N PRO A 7 -3.70 3.53 1.04
CA PRO A 7 -2.63 4.43 1.51
C PRO A 7 -2.78 5.83 0.91
N SER A 8 -3.98 6.32 0.76
CA SER A 8 -4.16 7.69 0.18
C SER A 8 -4.07 8.73 1.29
N VAL A 9 -3.59 8.35 2.43
CA VAL A 9 -3.47 9.34 3.55
C VAL A 9 -2.03 9.37 4.08
N LEU A 10 -1.18 8.49 3.59
CA LEU A 10 0.23 8.49 4.07
C LEU A 10 1.11 9.14 3.00
N THR A 11 1.46 8.40 1.97
CA THR A 11 2.37 8.96 0.93
C THR A 11 3.05 7.80 0.23
N LYS A 12 3.97 8.07 -0.64
CA LYS A 12 4.69 6.95 -1.30
C LYS A 12 5.85 6.54 -0.38
N ASP A 13 5.86 7.03 0.84
CA ASP A 13 6.95 6.70 1.80
C ASP A 13 6.47 5.66 2.84
N LYS A 14 5.36 5.90 3.48
CA LYS A 14 4.85 4.94 4.50
C LYS A 14 4.55 3.60 3.84
N LEU A 15 3.64 3.60 2.91
CA LEU A 15 3.24 2.33 2.23
C LEU A 15 4.45 1.44 2.01
N LYS A 16 5.63 1.99 1.95
CA LYS A 16 6.80 1.15 1.73
C LYS A 16 7.29 0.64 3.08
N SER A 17 7.53 1.53 4.00
CA SER A 17 7.98 1.10 5.36
C SER A 17 7.14 -0.09 5.78
N GLU A 18 5.93 -0.15 5.29
CA GLU A 18 5.02 -1.27 5.62
C GLU A 18 5.29 -2.43 4.67
N LEU A 19 5.18 -2.21 3.38
CA LEU A 19 5.39 -3.30 2.41
C LEU A 19 6.52 -4.22 2.88
N VAL A 20 7.46 -3.67 3.59
CA VAL A 20 8.57 -4.52 4.13
C VAL A 20 8.00 -5.37 5.27
N ALA A 21 7.34 -4.74 6.19
CA ALA A 21 6.75 -5.45 7.37
C ALA A 21 5.73 -6.52 6.94
N ASN A 22 5.08 -6.38 5.82
CA ASN A 22 4.08 -7.41 5.42
C ASN A 22 4.83 -8.58 4.78
N ASN A 23 5.30 -8.39 3.57
CA ASN A 23 6.05 -9.47 2.87
C ASN A 23 6.36 -8.98 1.45
N VAL A 24 6.95 -7.83 1.34
CA VAL A 24 7.26 -7.27 -0.01
C VAL A 24 8.63 -6.60 0.02
N THR A 25 9.44 -6.81 -0.98
CA THR A 25 10.77 -6.16 -0.99
C THR A 25 10.59 -4.71 -1.42
N LEU A 26 11.58 -3.88 -1.21
CA LEU A 26 11.42 -2.45 -1.58
C LEU A 26 12.32 -2.12 -2.77
N PRO A 27 11.77 -2.19 -3.95
CA PRO A 27 12.49 -1.88 -5.19
C PRO A 27 12.59 -0.36 -5.34
N ALA A 28 13.42 0.11 -6.24
CA ALA A 28 13.53 1.58 -6.41
C ALA A 28 14.30 2.16 -5.21
N GLY A 29 14.39 3.46 -5.13
CA GLY A 29 15.11 4.09 -3.98
C GLY A 29 14.08 4.80 -3.10
N GLU A 30 13.40 5.77 -3.65
CA GLU A 30 12.36 6.50 -2.87
C GLU A 30 11.01 6.27 -3.53
N GLN A 31 10.99 6.25 -4.84
CA GLN A 31 9.71 6.02 -5.58
C GLN A 31 10.00 6.08 -7.07
N ARG A 32 9.85 4.97 -7.73
CA ARG A 32 10.09 4.89 -9.16
C ARG A 32 9.02 5.73 -9.87
N LYS A 33 7.79 5.52 -9.50
CA LYS A 33 6.66 6.28 -10.10
C LYS A 33 5.37 5.73 -9.49
N ASP A 34 5.00 6.17 -8.31
CA ASP A 34 3.78 5.58 -7.69
C ASP A 34 3.98 4.07 -7.72
N VAL A 35 5.21 3.64 -7.58
CA VAL A 35 5.52 2.19 -7.62
C VAL A 35 5.25 1.56 -6.26
N TYR A 36 5.32 2.32 -5.21
CA TYR A 36 5.06 1.73 -3.88
C TYR A 36 3.56 1.73 -3.66
N VAL A 37 2.89 2.70 -4.22
CA VAL A 37 1.43 2.79 -4.07
C VAL A 37 0.79 1.77 -4.99
N GLN A 38 1.31 1.62 -6.19
CA GLN A 38 0.77 0.59 -7.10
C GLN A 38 1.24 -0.75 -6.59
N LEU A 39 2.51 -0.83 -6.29
CA LEU A 39 3.08 -2.12 -5.75
C LEU A 39 2.12 -2.63 -4.67
N TYR A 40 1.89 -1.82 -3.68
CA TYR A 40 0.99 -2.20 -2.58
C TYR A 40 -0.33 -2.76 -3.12
N LEU A 41 -1.03 -2.02 -3.94
CA LEU A 41 -2.33 -2.52 -4.45
C LEU A 41 -2.13 -3.83 -5.24
N GLN A 42 -0.95 -4.08 -5.74
CA GLN A 42 -0.71 -5.32 -6.54
C GLN A 42 -0.58 -6.57 -5.64
N HIS A 43 0.40 -6.61 -4.78
CA HIS A 43 0.59 -7.81 -3.91
C HIS A 43 -0.38 -7.76 -2.75
N LEU A 44 -0.57 -6.60 -2.22
CA LEU A 44 -1.48 -6.47 -1.06
C LEU A 44 -2.94 -6.33 -1.55
N THR A 45 -3.15 -5.95 -2.79
CA THR A 45 -4.55 -5.85 -3.27
C THR A 45 -5.43 -5.14 -2.26
N ALA A 46 -4.85 -4.33 -1.42
CA ALA A 46 -5.67 -3.65 -0.40
C ALA A 46 -6.56 -4.68 0.28
N ARG A 47 -5.95 -5.69 0.80
CA ARG A 47 -6.64 -6.80 1.51
C ARG A 47 -8.09 -6.42 1.85
N ASN A 48 -8.33 -5.71 2.91
CA ASN A 48 -9.73 -5.32 3.26
C ASN A 48 -10.09 -4.05 2.47
N ARG A 49 -10.59 -4.22 1.27
CA ARG A 49 -10.95 -3.02 0.45
C ARG A 49 -12.30 -2.42 0.89
N PRO A 50 -13.27 -3.27 1.07
CA PRO A 50 -14.63 -2.89 1.47
C PRO A 50 -14.70 -2.66 2.98
N PRO A 51 -15.18 -1.50 3.38
CA PRO A 51 -15.32 -1.15 4.80
C PRO A 51 -16.56 -1.83 5.39
N LEU A 52 -17.19 -2.71 4.66
CA LEU A 52 -18.40 -3.41 5.21
C LEU A 52 -19.44 -2.36 5.61
N PRO A 53 -20.34 -2.07 4.69
CA PRO A 53 -21.41 -1.08 4.91
C PRO A 53 -22.53 -1.69 5.75
N ALA A 54 -22.36 -2.90 6.21
CA ALA A 54 -23.42 -3.51 7.05
C ALA A 54 -24.64 -3.85 6.18
N GLY A 55 -24.44 -4.11 4.93
CA GLY A 55 -25.59 -4.45 4.05
C GLY A 55 -25.09 -5.19 2.80
N THR A 56 -23.97 -5.85 2.91
CA THR A 56 -23.42 -6.60 1.74
C THR A 56 -22.10 -7.25 2.11
#